data_1PJM
#
_entry.id   1PJM
#
_cell.length_a   79.000
_cell.length_b   89.179
_cell.length_c   100.992
_cell.angle_alpha   90.00
_cell.angle_beta   90.00
_cell.angle_gamma   90.00
#
_symmetry.space_group_name_H-M   'P 21 21 21'
#
loop_
_entity.id
_entity.type
_entity.pdbx_description
1 polymer 'Retinoblastoma-associated protein'
2 polymer 'Importin alpha-2 subunit'
3 water water
#
loop_
_entity_poly.entity_id
_entity_poly.type
_entity_poly.pdbx_seq_one_letter_code
_entity_poly.pdbx_strand_id
1 'polypeptide(L)' CGKRSAEGSNPPKPLKKLRG A
2 'polypeptide(L)'
;NQGTVNWSVEDIVKGINSNNLESQLQATQAARKLLSREKQPPIDNIIRAGLIPKFVSFLGKTDCSPIQFESAWALTNIAS
GTSEQTKAVVDGGAIPAFISLLASPHAHISEQAVWALGNIAGDGSAFRDLVIKHGAIDPLLALLAVPDLSTLACGYLRNL
TWTLSNLCRNKNPAPPLDAVEQILPTLVRLLHHNDPEVLADSCWAISYLTDGPNERIEMVVKKGVVPQLVKLLGATELPI
VTPALRAIGNIVTGTDEQTQKVIDAGALAVFPSLLTNPKTNIQKEATWTMSNITAGRQDQIQQVVNHGLVPFLVGVLSKA
DFKTQKEAAWAITNYTSGGTVEQIVYLVHCGIIEPLMNLLSAKDTKIIQVILDAISNIFQAAEKLGETEKLSIMIEECGG
LDKIEALQRHENESVYKASLNLIEKYFSVEEEEDQNVVPETTSEGFAFQVQDGAPGTFNF
;
B
#
# COMPACT_ATOMS: atom_id res chain seq x y z
N CYS A 1 -24.39 -3.45 -6.71
CA CYS A 1 -22.98 -3.92 -6.51
C CYS A 1 -21.98 -2.88 -7.05
N GLY A 2 -20.77 -2.88 -6.50
CA GLY A 2 -19.79 -1.93 -6.95
C GLY A 2 -18.38 -2.09 -6.42
N LYS A 3 -17.87 -0.98 -5.90
CA LYS A 3 -16.52 -0.87 -5.37
C LYS A 3 -16.14 -1.93 -4.35
N ARG A 4 -14.99 -2.55 -4.58
CA ARG A 4 -14.46 -3.57 -3.67
C ARG A 4 -13.14 -3.01 -3.15
N SER A 5 -13.05 -2.90 -1.83
CA SER A 5 -11.85 -2.35 -1.19
C SER A 5 -10.56 -3.11 -1.42
N ALA A 6 -9.46 -2.37 -1.30
CA ALA A 6 -8.11 -2.90 -1.43
C ALA A 6 -7.92 -3.71 -0.17
N GLU A 7 -7.97 -5.02 -0.30
CA GLU A 7 -7.80 -5.86 0.86
C GLU A 7 -6.92 -7.07 0.62
N GLY A 8 -6.03 -7.31 1.58
CA GLY A 8 -5.07 -8.39 1.49
C GLY A 8 -3.71 -7.72 1.46
N SER A 9 -2.65 -8.52 1.56
CA SER A 9 -1.28 -8.01 1.54
C SER A 9 -0.93 -7.13 0.33
N ASN A 10 0.33 -7.16 -0.07
CA ASN A 10 0.82 -6.41 -1.22
C ASN A 10 2.09 -7.10 -1.71
N PRO A 11 3.12 -7.23 -0.83
CA PRO A 11 3.19 -6.78 0.56
C PRO A 11 3.80 -5.38 0.62
N PRO A 12 3.22 -4.47 1.43
CA PRO A 12 3.74 -3.11 1.54
C PRO A 12 5.14 -3.02 2.16
N LYS A 13 5.69 -1.80 2.20
CA LYS A 13 7.00 -1.56 2.78
C LYS A 13 7.18 -2.24 4.15
N PRO A 14 8.43 -2.46 4.58
CA PRO A 14 8.60 -3.08 5.90
C PRO A 14 8.19 -2.01 6.91
N LEU A 15 7.59 -2.43 8.02
CA LEU A 15 7.17 -1.47 9.04
C LEU A 15 8.38 -0.76 9.66
N LYS A 16 9.48 -1.49 9.86
CA LYS A 16 10.65 -0.91 10.49
C LYS A 16 11.94 -1.10 9.68
N LYS A 17 13.00 -0.39 10.08
CA LYS A 17 14.31 -0.45 9.42
C LYS A 17 15.46 -0.48 10.41
N LEU A 18 16.29 -1.50 10.31
CA LEU A 18 17.46 -1.64 11.17
C LEU A 18 18.58 -0.90 10.47
N ARG A 19 19.37 -0.13 11.21
CA ARG A 19 20.47 0.58 10.59
C ARG A 19 21.76 -0.24 10.63
N GLY A 20 22.25 -0.65 9.47
CA GLY A 20 23.46 -1.44 9.39
C GLY A 20 24.67 -0.53 9.42
N GLN B 2 38.63 -0.54 16.93
CA GLN B 2 39.41 -1.64 17.57
C GLN B 2 38.88 -1.95 18.96
N GLY B 3 38.70 -0.92 19.76
CA GLY B 3 38.21 -1.09 21.13
C GLY B 3 36.71 -0.99 21.29
N THR B 4 35.97 -1.07 20.19
CA THR B 4 34.51 -1.01 20.25
C THR B 4 33.94 -2.09 19.33
N VAL B 5 34.83 -3.00 18.93
CA VAL B 5 34.48 -4.11 18.04
C VAL B 5 34.29 -5.43 18.80
N ASN B 6 33.13 -6.05 18.59
CA ASN B 6 32.80 -7.33 19.20
C ASN B 6 32.84 -7.38 20.73
N TRP B 7 32.27 -6.40 21.40
CA TRP B 7 32.23 -6.40 22.86
C TRP B 7 31.16 -7.39 23.31
N SER B 8 31.27 -7.84 24.55
CA SER B 8 30.30 -8.75 25.11
C SER B 8 29.30 -7.84 25.84
N VAL B 9 28.05 -8.26 25.92
CA VAL B 9 27.04 -7.47 26.60
C VAL B 9 27.48 -7.08 28.00
N GLU B 10 28.18 -7.99 28.68
CA GLU B 10 28.62 -7.68 30.04
C GLU B 10 29.66 -6.56 30.06
N ASP B 11 30.55 -6.52 29.06
CA ASP B 11 31.54 -5.45 29.02
C ASP B 11 30.80 -4.13 28.80
N ILE B 12 29.79 -4.16 27.94
CA ILE B 12 28.99 -2.99 27.64
C ILE B 12 28.32 -2.50 28.92
N VAL B 13 27.81 -3.45 29.71
CA VAL B 13 27.16 -3.11 30.96
C VAL B 13 28.18 -2.51 31.91
N LYS B 14 29.38 -3.07 31.92
CA LYS B 14 30.46 -2.58 32.77
C LYS B 14 30.77 -1.11 32.44
N GLY B 15 30.98 -0.82 31.16
CA GLY B 15 31.29 0.53 30.75
C GLY B 15 30.16 1.54 30.94
N ILE B 16 28.94 1.12 30.67
CA ILE B 16 27.80 2.00 30.80
C ILE B 16 27.50 2.32 32.25
N ASN B 17 27.80 1.39 33.14
CA ASN B 17 27.55 1.61 34.55
C ASN B 17 28.69 2.32 35.26
N SER B 18 29.82 2.49 34.57
CA SER B 18 30.96 3.18 35.17
C SER B 18 30.58 4.63 35.42
N ASN B 19 31.39 5.32 36.22
CA ASN B 19 31.12 6.72 36.53
C ASN B 19 31.90 7.63 35.58
N ASN B 20 32.29 7.08 34.43
CA ASN B 20 33.07 7.80 33.44
C ASN B 20 32.30 8.03 32.14
N LEU B 21 31.99 9.29 31.85
CA LEU B 21 31.24 9.61 30.64
C LEU B 21 31.91 9.06 29.39
N GLU B 22 33.24 9.18 29.31
CA GLU B 22 33.96 8.65 28.15
C GLU B 22 33.85 7.14 28.11
N SER B 23 33.88 6.51 29.28
CA SER B 23 33.76 5.05 29.35
C SER B 23 32.36 4.65 28.88
N GLN B 24 31.37 5.47 29.24
CA GLN B 24 30.00 5.20 28.85
C GLN B 24 29.83 5.36 27.35
N LEU B 25 30.52 6.36 26.80
CA LEU B 25 30.46 6.63 25.38
C LEU B 25 31.02 5.45 24.60
N GLN B 26 32.17 4.95 25.04
CA GLN B 26 32.79 3.81 24.37
C GLN B 26 31.88 2.58 24.45
N ALA B 27 31.34 2.33 25.64
CA ALA B 27 30.47 1.19 25.83
C ALA B 27 29.21 1.33 24.97
N THR B 28 28.68 2.54 24.87
CA THR B 28 27.50 2.75 24.07
C THR B 28 27.77 2.53 22.59
N GLN B 29 28.93 2.98 22.13
CA GLN B 29 29.28 2.78 20.73
C GLN B 29 29.42 1.28 20.45
N ALA B 30 29.98 0.56 21.42
CA ALA B 30 30.14 -0.88 21.30
C ALA B 30 28.77 -1.53 21.22
N ALA B 31 27.84 -1.06 22.05
CA ALA B 31 26.49 -1.60 22.05
C ALA B 31 25.90 -1.39 20.66
N ARG B 32 26.11 -0.19 20.12
CA ARG B 32 25.61 0.16 18.80
C ARG B 32 26.19 -0.72 17.69
N LYS B 33 27.49 -0.98 17.74
CA LYS B 33 28.10 -1.82 16.72
C LYS B 33 27.57 -3.23 16.82
N LEU B 34 27.30 -3.66 18.05
CA LEU B 34 26.76 -4.99 18.28
C LEU B 34 25.38 -5.07 17.62
N LEU B 35 24.58 -4.03 17.83
CA LEU B 35 23.22 -3.97 17.28
C LEU B 35 23.17 -3.68 15.80
N SER B 36 24.34 -3.47 15.19
CA SER B 36 24.45 -3.17 13.77
C SER B 36 25.11 -4.29 12.96
N ARG B 37 25.39 -5.42 13.59
CA ARG B 37 26.04 -6.54 12.91
C ARG B 37 25.09 -7.30 11.98
N GLU B 38 25.59 -7.56 10.78
CA GLU B 38 24.88 -8.25 9.71
C GLU B 38 23.59 -8.99 10.10
N LYS B 39 23.67 -9.89 11.07
CA LYS B 39 22.46 -10.61 11.46
C LYS B 39 22.38 -11.09 12.90
N GLN B 40 21.14 -11.17 13.36
CA GLN B 40 20.83 -11.62 14.69
C GLN B 40 21.43 -10.78 15.79
N PRO B 41 21.24 -9.46 15.72
CA PRO B 41 21.79 -8.59 16.77
C PRO B 41 21.12 -8.98 18.07
N PRO B 42 21.90 -9.10 19.16
CA PRO B 42 21.38 -9.47 20.47
C PRO B 42 20.48 -8.44 21.13
N ILE B 43 19.39 -8.10 20.46
CA ILE B 43 18.47 -7.11 20.98
C ILE B 43 17.91 -7.51 22.36
N ASP B 44 17.51 -8.77 22.52
CA ASP B 44 16.96 -9.21 23.80
C ASP B 44 18.00 -9.19 24.92
N ASN B 45 19.22 -9.60 24.62
CA ASN B 45 20.28 -9.60 25.62
C ASN B 45 20.49 -8.18 26.12
N ILE B 46 20.52 -7.22 25.19
CA ILE B 46 20.70 -5.82 25.52
C ILE B 46 19.55 -5.35 26.40
N ILE B 47 18.34 -5.77 26.05
CA ILE B 47 17.16 -5.39 26.83
C ILE B 47 17.16 -6.00 28.23
N ARG B 48 17.47 -7.29 28.35
CA ARG B 48 17.48 -7.90 29.68
C ARG B 48 18.51 -7.24 30.59
N ALA B 49 19.63 -6.81 30.00
CA ALA B 49 20.70 -6.16 30.77
C ALA B 49 20.26 -4.83 31.36
N GLY B 50 19.05 -4.40 31.00
CA GLY B 50 18.51 -3.14 31.51
C GLY B 50 19.20 -1.90 30.97
N LEU B 51 19.70 -1.98 29.75
CA LEU B 51 20.39 -0.85 29.15
C LEU B 51 19.54 0.27 28.54
N ILE B 52 18.30 -0.04 28.16
CA ILE B 52 17.42 0.94 27.52
C ILE B 52 17.28 2.24 28.29
N PRO B 53 17.05 2.15 29.61
CA PRO B 53 16.91 3.39 30.40
C PRO B 53 18.19 4.22 30.35
N LYS B 54 19.33 3.54 30.33
CA LYS B 54 20.62 4.24 30.28
C LYS B 54 20.73 4.97 28.94
N PHE B 55 20.40 4.26 27.86
CA PHE B 55 20.46 4.84 26.53
C PHE B 55 19.55 6.06 26.42
N VAL B 56 18.32 5.91 26.88
CA VAL B 56 17.36 7.00 26.84
C VAL B 56 17.89 8.23 27.56
N SER B 57 18.59 8.02 28.67
CA SER B 57 19.12 9.15 29.41
C SER B 57 20.28 9.80 28.65
N PHE B 58 21.04 9.01 27.91
CA PHE B 58 22.15 9.57 27.14
C PHE B 58 21.64 10.44 26.01
N LEU B 59 20.41 10.18 25.58
CA LEU B 59 19.81 10.97 24.51
C LEU B 59 19.71 12.43 24.94
N GLY B 60 19.54 12.65 26.24
CA GLY B 60 19.40 14.00 26.75
C GLY B 60 20.70 14.69 27.15
N LYS B 61 21.84 14.14 26.76
CA LYS B 61 23.12 14.75 27.10
C LYS B 61 23.65 15.65 26.00
N THR B 62 23.10 16.86 25.93
CA THR B 62 23.49 17.83 24.91
C THR B 62 25.00 18.09 24.92
N ASP B 63 25.57 18.08 26.12
CA ASP B 63 26.99 18.31 26.34
C ASP B 63 27.90 17.30 25.63
N CYS B 64 27.39 16.11 25.39
CA CYS B 64 28.15 15.05 24.73
C CYS B 64 27.35 14.48 23.57
N SER B 65 27.26 15.26 22.49
CA SER B 65 26.49 14.83 21.33
C SER B 65 26.87 13.44 20.78
N PRO B 66 28.14 13.04 20.92
CA PRO B 66 28.46 11.70 20.39
C PRO B 66 27.70 10.56 21.08
N ILE B 67 27.49 10.67 22.38
CA ILE B 67 26.76 9.62 23.09
C ILE B 67 25.26 9.70 22.75
N GLN B 68 24.81 10.90 22.37
CA GLN B 68 23.42 11.09 21.99
C GLN B 68 23.20 10.28 20.72
N PHE B 69 24.16 10.40 19.80
CA PHE B 69 24.10 9.71 18.52
C PHE B 69 24.18 8.20 18.66
N GLU B 70 25.15 7.73 19.45
CA GLU B 70 25.33 6.30 19.65
C GLU B 70 24.10 5.65 20.29
N SER B 71 23.62 6.23 21.39
CA SER B 71 22.46 5.70 22.06
C SER B 71 21.24 5.77 21.14
N ALA B 72 21.20 6.80 20.30
CA ALA B 72 20.09 6.99 19.36
C ALA B 72 20.10 5.88 18.32
N TRP B 73 21.27 5.53 17.83
CA TRP B 73 21.41 4.49 16.83
C TRP B 73 21.08 3.15 17.49
N ALA B 74 21.57 2.94 18.70
CA ALA B 74 21.33 1.70 19.42
C ALA B 74 19.82 1.53 19.65
N LEU B 75 19.19 2.60 20.15
CA LEU B 75 17.77 2.55 20.43
C LEU B 75 16.97 2.36 19.16
N THR B 76 17.45 2.94 18.06
CA THR B 76 16.77 2.81 16.78
C THR B 76 16.67 1.35 16.36
N ASN B 77 17.80 0.66 16.46
CA ASN B 77 17.86 -0.73 16.06
C ASN B 77 17.05 -1.64 16.98
N ILE B 78 16.97 -1.29 18.27
CA ILE B 78 16.17 -2.10 19.17
C ILE B 78 14.71 -1.90 18.77
N ALA B 79 14.35 -0.65 18.50
CA ALA B 79 13.01 -0.27 18.10
C ALA B 79 12.64 -0.87 16.74
N SER B 80 13.63 -1.33 15.99
CA SER B 80 13.35 -1.93 14.69
C SER B 80 12.93 -3.39 14.80
N GLY B 81 12.99 -3.95 16.01
CA GLY B 81 12.62 -5.33 16.19
C GLY B 81 11.13 -5.61 16.29
N THR B 82 10.78 -6.55 17.17
CA THR B 82 9.38 -6.91 17.37
C THR B 82 8.65 -5.84 18.17
N SER B 83 7.34 -5.97 18.28
CA SER B 83 6.54 -5.01 19.04
C SER B 83 7.00 -4.96 20.48
N GLU B 84 7.37 -6.11 21.02
CA GLU B 84 7.81 -6.18 22.40
C GLU B 84 9.10 -5.37 22.54
N GLN B 85 10.02 -5.59 21.61
CA GLN B 85 11.29 -4.87 21.65
C GLN B 85 11.06 -3.37 21.46
N THR B 86 10.12 -3.01 20.58
CA THR B 86 9.82 -1.60 20.34
C THR B 86 9.14 -1.04 21.60
N LYS B 87 8.30 -1.85 22.22
CA LYS B 87 7.61 -1.42 23.43
C LYS B 87 8.66 -1.07 24.49
N ALA B 88 9.70 -1.90 24.57
CA ALA B 88 10.77 -1.68 25.54
C ALA B 88 11.36 -0.28 25.38
N VAL B 89 11.56 0.13 24.14
CA VAL B 89 12.12 1.45 23.89
C VAL B 89 11.14 2.52 24.34
N VAL B 90 9.89 2.40 23.91
CA VAL B 90 8.87 3.36 24.31
C VAL B 90 8.71 3.39 25.84
N ASP B 91 8.70 2.23 26.48
CA ASP B 91 8.56 2.19 27.93
C ASP B 91 9.72 2.86 28.64
N GLY B 92 10.83 3.02 27.94
CA GLY B 92 11.99 3.67 28.55
C GLY B 92 11.89 5.18 28.51
N GLY B 93 10.80 5.69 27.95
CA GLY B 93 10.60 7.13 27.86
C GLY B 93 11.33 7.73 26.67
N ALA B 94 11.64 6.88 25.68
CA ALA B 94 12.36 7.35 24.51
C ALA B 94 11.61 8.32 23.57
N ILE B 95 10.29 8.22 23.47
CA ILE B 95 9.55 9.09 22.56
C ILE B 95 9.84 10.58 22.76
N PRO B 96 9.57 11.11 23.97
CA PRO B 96 9.83 12.54 24.18
C PRO B 96 11.31 12.91 23.98
N ALA B 97 12.19 11.99 24.38
CA ALA B 97 13.63 12.23 24.26
C ALA B 97 14.03 12.31 22.79
N PHE B 98 13.44 11.48 21.95
CA PHE B 98 13.75 11.52 20.53
C PHE B 98 13.17 12.76 19.86
N ILE B 99 12.03 13.21 20.35
CA ILE B 99 11.39 14.39 19.78
C ILE B 99 12.26 15.62 20.07
N SER B 100 12.90 15.62 21.24
CA SER B 100 13.76 16.73 21.60
C SER B 100 15.00 16.74 20.70
N LEU B 101 15.48 15.56 20.30
CA LEU B 101 16.66 15.48 19.45
C LEU B 101 16.43 15.94 18.02
N LEU B 102 15.17 16.09 17.63
CA LEU B 102 14.87 16.54 16.28
C LEU B 102 15.37 17.96 16.10
N ALA B 103 15.53 18.68 17.21
CA ALA B 103 15.99 20.06 17.21
C ALA B 103 17.52 20.20 17.26
N SER B 104 18.21 19.07 17.41
CA SER B 104 19.67 19.09 17.49
C SER B 104 20.33 19.86 16.33
N PRO B 105 21.49 20.48 16.61
CA PRO B 105 22.28 21.26 15.65
C PRO B 105 23.05 20.31 14.73
N HIS B 106 23.18 19.06 15.19
CA HIS B 106 23.88 18.02 14.46
C HIS B 106 22.88 17.25 13.60
N ALA B 107 22.93 17.50 12.29
CA ALA B 107 22.02 16.86 11.37
C ALA B 107 21.96 15.34 11.49
N HIS B 108 23.12 14.70 11.61
CA HIS B 108 23.16 13.24 11.71
C HIS B 108 22.48 12.72 12.98
N ILE B 109 22.41 13.56 14.01
CA ILE B 109 21.77 13.15 15.26
C ILE B 109 20.25 13.31 15.17
N SER B 110 19.79 14.45 14.65
CA SER B 110 18.34 14.66 14.54
C SER B 110 17.79 13.65 13.54
N GLU B 111 18.62 13.28 12.56
CA GLU B 111 18.23 12.30 11.56
C GLU B 111 18.05 10.92 12.24
N GLN B 112 18.89 10.63 13.23
CA GLN B 112 18.76 9.37 13.95
C GLN B 112 17.47 9.37 14.75
N ALA B 113 17.08 10.53 15.25
CA ALA B 113 15.85 10.65 16.03
C ALA B 113 14.69 10.42 15.09
N VAL B 114 14.78 10.97 13.88
CA VAL B 114 13.74 10.82 12.86
C VAL B 114 13.53 9.34 12.56
N TRP B 115 14.64 8.63 12.38
CA TRP B 115 14.62 7.20 12.08
C TRP B 115 13.98 6.41 13.22
N ALA B 116 14.40 6.69 14.46
CA ALA B 116 13.86 5.99 15.61
C ALA B 116 12.36 6.22 15.71
N LEU B 117 11.95 7.47 15.55
CA LEU B 117 10.54 7.78 15.61
C LEU B 117 9.82 7.00 14.51
N GLY B 118 10.50 6.78 13.39
CA GLY B 118 9.90 6.01 12.31
C GLY B 118 9.64 4.59 12.78
N ASN B 119 10.65 3.95 13.38
CA ASN B 119 10.46 2.58 13.84
C ASN B 119 9.37 2.47 14.90
N ILE B 120 9.30 3.46 15.79
CA ILE B 120 8.27 3.45 16.82
C ILE B 120 6.87 3.59 16.24
N ALA B 121 6.68 4.53 15.32
CA ALA B 121 5.38 4.75 14.70
C ALA B 121 4.99 3.59 13.80
N GLY B 122 5.96 3.05 13.07
CA GLY B 122 5.68 1.94 12.17
C GLY B 122 5.17 0.68 12.85
N ASP B 123 5.36 0.58 14.16
CA ASP B 123 4.91 -0.61 14.86
C ASP B 123 3.40 -0.81 14.77
N GLY B 124 2.66 0.28 14.79
CA GLY B 124 1.21 0.18 14.74
C GLY B 124 0.50 1.45 15.15
N SER B 125 -0.82 1.41 15.08
CA SER B 125 -1.70 2.53 15.39
C SER B 125 -1.43 3.22 16.71
N ALA B 126 -1.37 2.43 17.77
CA ALA B 126 -1.17 2.93 19.12
C ALA B 126 0.11 3.73 19.29
N PHE B 127 1.27 3.15 18.97
CA PHE B 127 2.51 3.88 19.11
C PHE B 127 2.57 5.07 18.15
N ARG B 128 1.93 4.90 17.00
CA ARG B 128 1.88 5.94 15.98
C ARG B 128 1.21 7.16 16.60
N ASP B 129 0.02 6.94 17.17
CA ASP B 129 -0.75 8.00 17.79
C ASP B 129 -0.09 8.53 19.06
N LEU B 130 0.72 7.71 19.73
CA LEU B 130 1.41 8.18 20.93
C LEU B 130 2.52 9.16 20.49
N VAL B 131 3.24 8.79 19.44
CA VAL B 131 4.30 9.65 18.90
C VAL B 131 3.70 11.00 18.53
N ILE B 132 2.54 10.97 17.89
CA ILE B 132 1.84 12.16 17.48
C ILE B 132 1.41 12.96 18.72
N LYS B 133 0.90 12.29 19.73
CA LYS B 133 0.49 13.00 20.94
C LYS B 133 1.66 13.68 21.65
N HIS B 134 2.86 13.11 21.52
CA HIS B 134 4.04 13.70 22.15
C HIS B 134 4.56 14.91 21.33
N GLY B 135 3.81 15.29 20.30
CA GLY B 135 4.16 16.44 19.47
C GLY B 135 5.25 16.30 18.43
N ALA B 136 5.38 15.14 17.82
CA ALA B 136 6.44 14.91 16.83
C ALA B 136 6.26 15.60 15.47
N ILE B 137 5.03 15.70 15.01
CA ILE B 137 4.76 16.27 13.70
C ILE B 137 5.36 17.65 13.41
N ASP B 138 5.15 18.63 14.29
CA ASP B 138 5.71 19.96 14.07
C ASP B 138 7.22 19.96 13.86
N PRO B 139 7.99 19.33 14.75
CA PRO B 139 9.45 19.27 14.63
C PRO B 139 9.87 18.60 13.31
N LEU B 140 9.20 17.49 12.98
CA LEU B 140 9.48 16.77 11.74
C LEU B 140 9.24 17.66 10.54
N LEU B 141 8.05 18.24 10.48
CA LEU B 141 7.71 19.11 9.37
C LEU B 141 8.65 20.31 9.31
N ALA B 142 9.06 20.81 10.47
CA ALA B 142 9.95 21.96 10.50
C ALA B 142 11.26 21.63 9.79
N LEU B 143 11.69 20.37 9.92
CA LEU B 143 12.91 19.92 9.28
C LEU B 143 12.84 19.99 7.75
N LEU B 144 11.63 20.02 7.21
CA LEU B 144 11.44 20.08 5.76
C LEU B 144 11.00 21.47 5.30
N ALA B 145 10.86 22.41 6.23
CA ALA B 145 10.45 23.76 5.89
C ALA B 145 11.59 24.55 5.27
N VAL B 146 11.98 24.17 4.07
CA VAL B 146 13.07 24.85 3.37
C VAL B 146 12.62 25.26 1.97
N PRO B 147 13.26 26.28 1.40
CA PRO B 147 12.92 26.78 0.05
C PRO B 147 13.04 25.71 -1.02
N ASP B 148 14.08 24.89 -0.92
CA ASP B 148 14.32 23.84 -1.91
C ASP B 148 14.78 22.54 -1.26
N LEU B 149 13.94 21.51 -1.31
CA LEU B 149 14.25 20.20 -0.73
C LEU B 149 15.59 19.66 -1.22
N SER B 150 16.01 20.10 -2.40
CA SER B 150 17.26 19.62 -2.98
C SER B 150 18.52 19.96 -2.21
N THR B 151 18.43 20.93 -1.31
CA THR B 151 19.60 21.33 -0.52
C THR B 151 19.83 20.40 0.67
N LEU B 152 18.85 19.55 0.96
CA LEU B 152 18.97 18.61 2.07
C LEU B 152 19.77 17.41 1.63
N ALA B 153 20.46 16.78 2.58
CA ALA B 153 21.23 15.58 2.28
C ALA B 153 20.26 14.51 1.78
N CYS B 154 20.66 13.78 0.76
CA CYS B 154 19.81 12.75 0.19
C CYS B 154 19.21 11.79 1.23
N GLY B 155 20.08 11.17 2.03
CA GLY B 155 19.62 10.24 3.05
C GLY B 155 18.72 10.90 4.09
N TYR B 156 19.05 12.13 4.44
CA TYR B 156 18.28 12.88 5.43
C TYR B 156 16.84 13.04 4.94
N LEU B 157 16.67 13.41 3.68
CA LEU B 157 15.36 13.59 3.09
C LEU B 157 14.61 12.27 3.02
N ARG B 158 15.30 11.20 2.65
CA ARG B 158 14.68 9.90 2.57
C ARG B 158 14.18 9.42 3.92
N ASN B 159 14.91 9.74 4.98
CA ASN B 159 14.50 9.31 6.31
C ASN B 159 13.26 10.06 6.80
N LEU B 160 13.22 11.37 6.59
CA LEU B 160 12.06 12.14 7.03
C LEU B 160 10.82 11.66 6.28
N THR B 161 10.96 11.53 4.97
CA THR B 161 9.88 11.09 4.11
C THR B 161 9.36 9.73 4.60
N TRP B 162 10.28 8.81 4.79
CA TRP B 162 9.91 7.48 5.26
C TRP B 162 9.20 7.54 6.61
N THR B 163 9.74 8.30 7.55
CA THR B 163 9.12 8.40 8.87
C THR B 163 7.73 9.06 8.77
N LEU B 164 7.58 10.05 7.90
CA LEU B 164 6.29 10.67 7.72
C LEU B 164 5.31 9.65 7.17
N SER B 165 5.76 8.78 6.26
CA SER B 165 4.86 7.78 5.69
C SER B 165 4.38 6.78 6.73
N ASN B 166 5.15 6.58 7.80
CA ASN B 166 4.71 5.67 8.84
C ASN B 166 3.68 6.36 9.73
N LEU B 167 3.73 7.68 9.78
CA LEU B 167 2.77 8.44 10.58
C LEU B 167 1.44 8.45 9.84
N CYS B 168 1.48 8.07 8.57
CA CYS B 168 0.30 8.00 7.71
C CYS B 168 -0.19 6.56 7.62
N ARG B 169 0.64 5.63 8.08
CA ARG B 169 0.36 4.20 8.02
C ARG B 169 -0.57 3.66 9.11
N ASN B 170 -1.10 2.46 8.87
CA ASN B 170 -2.01 1.75 9.78
C ASN B 170 -3.45 2.24 9.71
N LYS B 171 -4.39 1.31 9.87
CA LYS B 171 -5.82 1.62 9.75
C LYS B 171 -6.78 1.43 10.93
N ASN B 172 -6.42 0.65 11.94
CA ASN B 172 -7.38 0.49 13.04
C ASN B 172 -6.92 1.04 14.38
N PRO B 173 -7.14 2.34 14.61
CA PRO B 173 -7.78 3.30 13.70
C PRO B 173 -6.77 3.95 12.76
N ALA B 174 -7.28 4.79 11.86
CA ALA B 174 -6.43 5.51 10.90
C ALA B 174 -5.85 6.71 11.63
N PRO B 175 -4.77 7.29 11.11
CA PRO B 175 -4.17 8.44 11.77
C PRO B 175 -5.22 9.50 12.06
N PRO B 176 -5.00 10.32 13.10
CA PRO B 176 -5.97 11.37 13.44
C PRO B 176 -6.14 12.34 12.26
N LEU B 177 -7.38 12.72 11.96
CA LEU B 177 -7.66 13.63 10.87
C LEU B 177 -6.84 14.92 10.87
N ASP B 178 -6.69 15.53 12.04
CA ASP B 178 -5.93 16.76 12.12
C ASP B 178 -4.45 16.54 11.81
N ALA B 179 -3.95 15.36 12.18
CA ALA B 179 -2.56 15.02 11.92
C ALA B 179 -2.36 14.85 10.42
N VAL B 180 -3.33 14.23 9.76
CA VAL B 180 -3.26 14.02 8.32
C VAL B 180 -3.23 15.37 7.61
N GLU B 181 -4.17 16.25 7.96
CA GLU B 181 -4.21 17.58 7.37
C GLU B 181 -2.87 18.31 7.56
N GLN B 182 -2.28 18.15 8.74
CA GLN B 182 -1.02 18.80 9.05
C GLN B 182 0.07 18.34 8.10
N ILE B 183 0.21 17.02 7.97
CA ILE B 183 1.22 16.39 7.14
C ILE B 183 1.03 16.50 5.62
N LEU B 184 -0.22 16.39 5.16
CA LEU B 184 -0.51 16.44 3.72
C LEU B 184 0.21 17.48 2.84
N PRO B 185 0.18 18.76 3.22
CA PRO B 185 0.86 19.76 2.39
C PRO B 185 2.31 19.39 2.10
N THR B 186 3.04 19.01 3.14
CA THR B 186 4.45 18.62 3.01
C THR B 186 4.56 17.40 2.11
N LEU B 187 3.67 16.46 2.32
CA LEU B 187 3.63 15.24 1.54
C LEU B 187 3.44 15.59 0.05
N VAL B 188 2.56 16.55 -0.22
CA VAL B 188 2.31 16.99 -1.59
C VAL B 188 3.59 17.55 -2.22
N ARG B 189 4.41 18.22 -1.41
CA ARG B 189 5.65 18.79 -1.91
C ARG B 189 6.66 17.67 -2.19
N LEU B 190 6.73 16.69 -1.30
CA LEU B 190 7.65 15.56 -1.47
C LEU B 190 7.29 14.75 -2.73
N LEU B 191 6.02 14.78 -3.10
CA LEU B 191 5.54 14.03 -4.26
C LEU B 191 6.06 14.64 -5.56
N HIS B 192 6.62 15.83 -5.47
CA HIS B 192 7.16 16.53 -6.64
C HIS B 192 8.68 16.59 -6.60
N HIS B 193 9.29 15.88 -5.65
CA HIS B 193 10.74 15.85 -5.53
C HIS B 193 11.31 14.86 -6.53
N ASN B 194 12.53 15.10 -6.99
CA ASN B 194 13.14 14.24 -8.02
C ASN B 194 13.75 12.91 -7.58
N ASP B 195 14.03 12.72 -6.29
CA ASP B 195 14.62 11.45 -5.85
C ASP B 195 13.58 10.33 -5.84
N PRO B 196 13.88 9.23 -6.57
CA PRO B 196 12.96 8.09 -6.64
C PRO B 196 12.55 7.43 -5.31
N GLU B 197 13.45 7.40 -4.33
CA GLU B 197 13.08 6.80 -3.06
C GLU B 197 12.08 7.69 -2.33
N VAL B 198 12.29 9.01 -2.43
CA VAL B 198 11.38 9.96 -1.80
C VAL B 198 10.00 9.83 -2.43
N LEU B 199 9.98 9.67 -3.76
CA LEU B 199 8.73 9.54 -4.48
C LEU B 199 8.01 8.26 -4.09
N ALA B 200 8.76 7.16 -4.01
CA ALA B 200 8.19 5.87 -3.64
C ALA B 200 7.52 5.97 -2.28
N ASP B 201 8.27 6.43 -1.28
CA ASP B 201 7.74 6.55 0.06
C ASP B 201 6.60 7.56 0.15
N SER B 202 6.67 8.62 -0.65
CA SER B 202 5.60 9.62 -0.67
C SER B 202 4.34 8.95 -1.22
N CYS B 203 4.50 8.14 -2.27
CA CYS B 203 3.37 7.43 -2.86
C CYS B 203 2.77 6.45 -1.88
N TRP B 204 3.63 5.80 -1.09
CA TRP B 204 3.18 4.84 -0.09
C TRP B 204 2.35 5.58 0.94
N ALA B 205 2.83 6.76 1.34
CA ALA B 205 2.12 7.59 2.31
C ALA B 205 0.73 7.92 1.75
N ILE B 206 0.66 8.36 0.49
CA ILE B 206 -0.63 8.68 -0.10
C ILE B 206 -1.49 7.42 -0.19
N SER B 207 -0.87 6.27 -0.47
CA SER B 207 -1.63 5.04 -0.58
C SER B 207 -2.26 4.65 0.76
N TYR B 208 -1.60 5.00 1.85
CA TYR B 208 -2.12 4.67 3.18
C TYR B 208 -3.30 5.58 3.49
N LEU B 209 -3.12 6.87 3.24
CA LEU B 209 -4.17 7.84 3.53
C LEU B 209 -5.42 7.61 2.70
N THR B 210 -5.28 7.03 1.52
CA THR B 210 -6.42 6.77 0.64
C THR B 210 -7.02 5.38 0.84
N ASP B 211 -6.43 4.59 1.73
CA ASP B 211 -6.93 3.26 2.00
C ASP B 211 -7.95 3.33 3.13
N GLY B 212 -9.14 3.82 2.81
CA GLY B 212 -10.18 3.94 3.82
C GLY B 212 -11.48 4.52 3.31
N PRO B 213 -12.27 5.14 4.21
CA PRO B 213 -13.56 5.74 3.85
C PRO B 213 -13.38 6.87 2.83
N ASN B 214 -14.45 7.20 2.12
CA ASN B 214 -14.42 8.24 1.11
C ASN B 214 -13.97 9.61 1.63
N GLU B 215 -14.23 9.87 2.91
CA GLU B 215 -13.86 11.16 3.51
C GLU B 215 -12.35 11.26 3.56
N ARG B 216 -11.70 10.11 3.78
CA ARG B 216 -10.25 10.03 3.85
C ARG B 216 -9.66 10.27 2.46
N ILE B 217 -10.25 9.60 1.47
CA ILE B 217 -9.82 9.75 0.09
C ILE B 217 -9.98 11.21 -0.33
N GLU B 218 -11.11 11.81 0.05
CA GLU B 218 -11.40 13.19 -0.29
C GLU B 218 -10.36 14.20 0.16
N MET B 219 -9.89 14.10 1.40
CA MET B 219 -8.90 15.05 1.88
C MET B 219 -7.60 14.95 1.12
N VAL B 220 -7.38 13.81 0.47
CA VAL B 220 -6.17 13.62 -0.33
C VAL B 220 -6.45 14.16 -1.74
N VAL B 221 -7.54 13.71 -2.35
CA VAL B 221 -7.91 14.18 -3.69
C VAL B 221 -7.97 15.71 -3.70
N LYS B 222 -8.56 16.26 -2.64
CA LYS B 222 -8.71 17.69 -2.46
C LYS B 222 -7.39 18.45 -2.55
N LYS B 223 -6.29 17.76 -2.27
CA LYS B 223 -4.97 18.41 -2.32
C LYS B 223 -4.42 18.51 -3.75
N GLY B 224 -5.15 17.93 -4.70
CA GLY B 224 -4.78 17.99 -6.10
C GLY B 224 -3.61 17.10 -6.54
N VAL B 225 -3.40 15.99 -5.84
CA VAL B 225 -2.30 15.08 -6.17
C VAL B 225 -2.56 14.00 -7.23
N VAL B 226 -3.82 13.80 -7.60
CA VAL B 226 -4.15 12.76 -8.58
C VAL B 226 -3.32 12.88 -9.86
N PRO B 227 -3.23 14.07 -10.46
CA PRO B 227 -2.43 14.17 -11.68
C PRO B 227 -0.98 13.75 -11.45
N GLN B 228 -0.38 14.21 -10.36
CA GLN B 228 1.00 13.84 -10.06
C GLN B 228 1.10 12.32 -9.90
N LEU B 229 0.04 11.71 -9.37
CA LEU B 229 0.02 10.26 -9.19
C LEU B 229 -0.05 9.54 -10.54
N VAL B 230 -0.89 10.03 -11.44
CA VAL B 230 -0.99 9.38 -12.74
C VAL B 230 0.36 9.48 -13.43
N LYS B 231 1.05 10.60 -13.23
CA LYS B 231 2.37 10.80 -13.81
C LYS B 231 3.32 9.74 -13.27
N LEU B 232 3.39 9.63 -11.94
CA LEU B 232 4.25 8.65 -11.31
C LEU B 232 3.82 7.24 -11.73
N LEU B 233 2.55 7.10 -12.12
CA LEU B 233 2.03 5.81 -12.55
C LEU B 233 2.76 5.33 -13.81
N GLY B 234 3.27 6.29 -14.58
CA GLY B 234 4.00 5.97 -15.79
C GLY B 234 5.49 5.84 -15.54
N ALA B 235 5.92 6.05 -14.31
CA ALA B 235 7.32 5.96 -13.96
C ALA B 235 7.93 4.64 -14.43
N THR B 236 9.25 4.64 -14.62
CA THR B 236 9.93 3.45 -15.07
C THR B 236 10.41 2.60 -13.89
N GLU B 237 10.48 3.22 -12.71
CA GLU B 237 10.93 2.50 -11.52
C GLU B 237 9.76 1.80 -10.84
N LEU B 238 9.81 0.47 -10.82
CA LEU B 238 8.78 -0.34 -10.20
C LEU B 238 8.45 0.07 -8.77
N PRO B 239 9.49 0.48 -7.99
CA PRO B 239 9.25 0.90 -6.59
C PRO B 239 8.38 2.15 -6.49
N ILE B 240 8.20 2.86 -7.59
CA ILE B 240 7.37 4.05 -7.58
C ILE B 240 5.99 3.68 -8.12
N VAL B 241 5.97 2.99 -9.25
CA VAL B 241 4.73 2.56 -9.89
C VAL B 241 3.84 1.74 -8.98
N THR B 242 4.43 0.84 -8.20
CA THR B 242 3.65 0.01 -7.31
C THR B 242 2.80 0.82 -6.30
N PRO B 243 3.44 1.66 -5.47
CA PRO B 243 2.64 2.45 -4.52
C PRO B 243 1.74 3.48 -5.20
N ALA B 244 2.18 4.00 -6.35
CA ALA B 244 1.38 4.97 -7.08
C ALA B 244 0.09 4.30 -7.55
N LEU B 245 0.22 3.09 -8.07
CA LEU B 245 -0.92 2.34 -8.56
C LEU B 245 -1.86 1.97 -7.42
N ARG B 246 -1.30 1.68 -6.25
CA ARG B 246 -2.13 1.32 -5.11
C ARG B 246 -2.94 2.55 -4.69
N ALA B 247 -2.32 3.73 -4.73
CA ALA B 247 -3.02 4.97 -4.36
C ALA B 247 -4.16 5.24 -5.33
N ILE B 248 -3.87 5.07 -6.62
CA ILE B 248 -4.88 5.29 -7.66
C ILE B 248 -5.97 4.23 -7.54
N GLY B 249 -5.59 3.01 -7.18
CA GLY B 249 -6.56 1.94 -7.02
C GLY B 249 -7.47 2.22 -5.83
N ASN B 250 -6.90 2.75 -4.76
CA ASN B 250 -7.66 3.08 -3.56
C ASN B 250 -8.65 4.21 -3.84
N ILE B 251 -8.16 5.25 -4.50
CA ILE B 251 -9.00 6.40 -4.83
C ILE B 251 -10.24 6.03 -5.63
N VAL B 252 -10.14 5.04 -6.52
CA VAL B 252 -11.31 4.67 -7.32
C VAL B 252 -12.25 3.70 -6.62
N THR B 253 -12.05 3.48 -5.33
CA THR B 253 -12.93 2.64 -4.53
C THR B 253 -13.88 3.63 -3.86
N GLY B 254 -13.61 4.91 -4.07
CA GLY B 254 -14.42 5.97 -3.49
C GLY B 254 -15.68 6.27 -4.27
N THR B 255 -16.02 7.55 -4.38
CA THR B 255 -17.23 7.96 -5.09
C THR B 255 -16.97 8.06 -6.59
N ASP B 256 -18.05 8.05 -7.37
CA ASP B 256 -17.95 8.17 -8.82
C ASP B 256 -17.19 9.45 -9.15
N GLU B 257 -17.44 10.50 -8.38
CA GLU B 257 -16.77 11.78 -8.58
C GLU B 257 -15.28 11.70 -8.32
N GLN B 258 -14.87 10.97 -7.28
CA GLN B 258 -13.46 10.85 -6.97
C GLN B 258 -12.83 9.99 -8.06
N THR B 259 -13.57 8.98 -8.51
CA THR B 259 -13.09 8.10 -9.57
C THR B 259 -12.93 8.89 -10.87
N GLN B 260 -13.82 9.85 -11.09
CA GLN B 260 -13.73 10.67 -12.30
C GLN B 260 -12.44 11.48 -12.33
N LYS B 261 -11.92 11.82 -11.15
CA LYS B 261 -10.68 12.59 -11.06
C LYS B 261 -9.47 11.86 -11.62
N VAL B 262 -9.38 10.56 -11.40
CA VAL B 262 -8.23 9.84 -11.94
C VAL B 262 -8.39 9.69 -13.45
N ILE B 263 -9.64 9.58 -13.92
CA ILE B 263 -9.90 9.46 -15.35
C ILE B 263 -9.55 10.77 -16.04
N ASP B 264 -10.00 11.89 -15.46
CA ASP B 264 -9.72 13.21 -16.04
C ASP B 264 -8.22 13.46 -16.11
N ALA B 265 -7.49 12.85 -15.18
CA ALA B 265 -6.04 13.03 -15.13
C ALA B 265 -5.32 12.19 -16.17
N GLY B 266 -6.06 11.41 -16.96
CA GLY B 266 -5.46 10.59 -18.00
C GLY B 266 -4.92 9.24 -17.56
N ALA B 267 -5.38 8.73 -16.42
CA ALA B 267 -4.89 7.45 -15.91
C ALA B 267 -5.14 6.27 -16.85
N LEU B 268 -6.29 6.26 -17.52
CA LEU B 268 -6.61 5.15 -18.40
C LEU B 268 -5.60 4.90 -19.51
N ALA B 269 -4.92 5.95 -19.97
CA ALA B 269 -3.93 5.83 -21.03
C ALA B 269 -2.71 4.98 -20.65
N VAL B 270 -2.52 4.75 -19.36
CA VAL B 270 -1.37 3.98 -18.89
C VAL B 270 -1.67 2.49 -18.75
N PHE B 271 -2.96 2.15 -18.68
CA PHE B 271 -3.34 0.76 -18.48
C PHE B 271 -3.03 -0.27 -19.54
N PRO B 272 -2.92 0.13 -20.82
CA PRO B 272 -2.60 -0.92 -21.79
C PRO B 272 -1.28 -1.55 -21.36
N SER B 273 -0.43 -0.70 -20.81
CA SER B 273 0.88 -1.11 -20.33
C SER B 273 0.82 -1.85 -18.99
N LEU B 274 0.09 -1.27 -18.03
CA LEU B 274 -0.06 -1.86 -16.70
C LEU B 274 -0.74 -3.22 -16.76
N LEU B 275 -1.73 -3.37 -17.62
CA LEU B 275 -2.45 -4.62 -17.75
C LEU B 275 -1.63 -5.73 -18.40
N THR B 276 -0.48 -5.37 -18.98
CA THR B 276 0.40 -6.36 -19.61
C THR B 276 1.76 -6.31 -18.96
N ASN B 277 1.83 -5.59 -17.83
CA ASN B 277 3.08 -5.44 -17.10
C ASN B 277 3.73 -6.78 -16.75
N PRO B 278 5.07 -6.85 -16.87
CA PRO B 278 5.82 -8.07 -16.56
C PRO B 278 5.63 -8.53 -15.12
N LYS B 279 5.48 -7.57 -14.20
CA LYS B 279 5.31 -7.88 -12.80
C LYS B 279 3.86 -8.27 -12.46
N THR B 280 3.68 -9.55 -12.17
CA THR B 280 2.38 -10.12 -11.83
C THR B 280 1.54 -9.24 -10.89
N ASN B 281 2.18 -8.69 -9.86
CA ASN B 281 1.50 -7.85 -8.89
C ASN B 281 0.91 -6.57 -9.49
N ILE B 282 1.67 -5.91 -10.37
CA ILE B 282 1.19 -4.69 -10.98
C ILE B 282 -0.04 -5.01 -11.84
N GLN B 283 0.05 -6.15 -12.53
CA GLN B 283 -1.01 -6.58 -13.41
C GLN B 283 -2.28 -6.85 -12.61
N LYS B 284 -2.13 -7.43 -11.42
CA LYS B 284 -3.24 -7.73 -10.55
C LYS B 284 -3.88 -6.46 -9.99
N GLU B 285 -3.05 -5.54 -9.51
CA GLU B 285 -3.53 -4.28 -8.94
C GLU B 285 -4.20 -3.43 -10.00
N ALA B 286 -3.66 -3.48 -11.21
CA ALA B 286 -4.20 -2.72 -12.33
C ALA B 286 -5.57 -3.24 -12.74
N THR B 287 -5.73 -4.56 -12.75
CA THR B 287 -6.99 -5.19 -13.14
C THR B 287 -8.05 -4.96 -12.05
N TRP B 288 -7.57 -4.91 -10.81
CA TRP B 288 -8.43 -4.66 -9.66
C TRP B 288 -8.89 -3.20 -9.80
N THR B 289 -7.95 -2.31 -10.07
CA THR B 289 -8.28 -0.90 -10.26
C THR B 289 -9.31 -0.77 -11.38
N MET B 290 -9.11 -1.52 -12.46
CA MET B 290 -10.04 -1.49 -13.59
C MET B 290 -11.43 -1.95 -13.16
N SER B 291 -11.49 -3.01 -12.36
CA SER B 291 -12.78 -3.55 -11.90
C SER B 291 -13.60 -2.49 -11.16
N ASN B 292 -12.94 -1.65 -10.36
CA ASN B 292 -13.67 -0.62 -9.64
C ASN B 292 -14.06 0.51 -10.57
N ILE B 293 -13.33 0.67 -11.67
CA ILE B 293 -13.69 1.71 -12.61
C ILE B 293 -14.89 1.19 -13.42
N THR B 294 -14.96 -0.13 -13.65
CA THR B 294 -16.10 -0.65 -14.40
C THR B 294 -17.33 -0.72 -13.50
N ALA B 295 -17.15 -0.41 -12.22
CA ALA B 295 -18.26 -0.42 -11.28
C ALA B 295 -18.78 1.00 -11.15
N GLY B 296 -18.32 1.89 -12.03
CA GLY B 296 -18.75 3.27 -11.98
C GLY B 296 -19.87 3.59 -12.96
N ARG B 297 -20.00 4.87 -13.30
CA ARG B 297 -21.02 5.31 -14.23
C ARG B 297 -20.80 4.76 -15.64
N GLN B 298 -21.87 4.76 -16.44
CA GLN B 298 -21.80 4.28 -17.80
C GLN B 298 -20.86 5.13 -18.62
N ASP B 299 -20.82 6.43 -18.33
CA ASP B 299 -19.92 7.33 -19.05
C ASP B 299 -18.47 7.04 -18.66
N GLN B 300 -18.29 6.37 -17.52
CA GLN B 300 -16.94 6.02 -17.08
C GLN B 300 -16.59 4.68 -17.71
N ILE B 301 -17.59 3.81 -17.85
CA ILE B 301 -17.38 2.52 -18.49
C ILE B 301 -17.08 2.82 -19.96
N GLN B 302 -17.64 3.92 -20.45
CA GLN B 302 -17.44 4.33 -21.84
C GLN B 302 -16.00 4.82 -22.07
N GLN B 303 -15.38 5.35 -21.02
CA GLN B 303 -14.01 5.83 -21.11
C GLN B 303 -13.13 4.60 -21.25
N VAL B 304 -13.46 3.57 -20.48
CA VAL B 304 -12.71 2.32 -20.52
C VAL B 304 -12.78 1.82 -21.95
N VAL B 305 -13.95 1.96 -22.55
CA VAL B 305 -14.19 1.53 -23.92
C VAL B 305 -13.37 2.36 -24.91
N ASN B 306 -13.43 3.69 -24.79
CA ASN B 306 -12.71 4.56 -25.72
C ASN B 306 -11.20 4.33 -25.68
N HIS B 307 -10.65 4.17 -24.49
CA HIS B 307 -9.21 3.95 -24.38
C HIS B 307 -8.80 2.57 -24.85
N GLY B 308 -9.76 1.84 -25.42
CA GLY B 308 -9.51 0.51 -25.94
C GLY B 308 -9.05 -0.50 -24.90
N LEU B 309 -9.55 -0.37 -23.68
CA LEU B 309 -9.14 -1.26 -22.59
C LEU B 309 -9.95 -2.55 -22.44
N VAL B 310 -11.05 -2.70 -23.16
CA VAL B 310 -11.83 -3.92 -23.05
C VAL B 310 -11.00 -5.08 -23.61
N PRO B 311 -10.35 -4.88 -24.76
CA PRO B 311 -9.53 -5.97 -25.31
C PRO B 311 -8.46 -6.41 -24.32
N PHE B 312 -7.93 -5.46 -23.55
CA PHE B 312 -6.91 -5.76 -22.55
C PHE B 312 -7.52 -6.55 -21.40
N LEU B 313 -8.78 -6.26 -21.07
CA LEU B 313 -9.44 -7.01 -20.01
C LEU B 313 -9.67 -8.43 -20.52
N VAL B 314 -10.12 -8.54 -21.78
CA VAL B 314 -10.35 -9.84 -22.40
C VAL B 314 -9.04 -10.63 -22.37
N GLY B 315 -7.95 -9.94 -22.70
CA GLY B 315 -6.64 -10.56 -22.70
C GLY B 315 -6.22 -11.05 -21.33
N VAL B 316 -6.48 -10.25 -20.30
CA VAL B 316 -6.10 -10.64 -18.96
C VAL B 316 -7.02 -11.75 -18.42
N LEU B 317 -8.24 -11.81 -18.93
CA LEU B 317 -9.18 -12.86 -18.52
C LEU B 317 -8.74 -14.17 -19.17
N SER B 318 -8.14 -14.06 -20.35
CA SER B 318 -7.70 -15.21 -21.12
C SER B 318 -6.42 -15.85 -20.58
N LYS B 319 -5.44 -15.02 -20.22
CA LYS B 319 -4.16 -15.51 -19.73
C LYS B 319 -3.54 -14.55 -18.72
N ALA B 320 -3.24 -15.08 -17.54
CA ALA B 320 -2.65 -14.29 -16.45
C ALA B 320 -2.68 -15.13 -15.18
N ASP B 321 -2.02 -14.60 -14.16
CA ASP B 321 -1.98 -15.23 -12.86
C ASP B 321 -3.45 -15.42 -12.44
N PHE B 322 -3.79 -16.51 -11.77
CA PHE B 322 -5.18 -16.73 -11.36
C PHE B 322 -5.80 -15.58 -10.56
N LYS B 323 -5.02 -14.96 -9.68
CA LYS B 323 -5.55 -13.84 -8.89
C LYS B 323 -5.89 -12.67 -9.81
N THR B 324 -5.11 -12.47 -10.86
CA THR B 324 -5.37 -11.38 -11.79
C THR B 324 -6.63 -11.70 -12.59
N GLN B 325 -6.77 -12.98 -12.95
CA GLN B 325 -7.93 -13.42 -13.72
C GLN B 325 -9.22 -13.21 -12.91
N LYS B 326 -9.14 -13.50 -11.62
CA LYS B 326 -10.29 -13.33 -10.75
C LYS B 326 -10.67 -11.83 -10.74
N GLU B 327 -9.66 -10.96 -10.66
CA GLU B 327 -9.91 -9.52 -10.70
C GLU B 327 -10.54 -9.16 -12.04
N ALA B 328 -10.13 -9.87 -13.08
CA ALA B 328 -10.65 -9.64 -14.41
C ALA B 328 -12.13 -9.99 -14.42
N ALA B 329 -12.45 -11.15 -13.85
CA ALA B 329 -13.81 -11.63 -13.76
C ALA B 329 -14.67 -10.54 -13.15
N TRP B 330 -14.20 -9.98 -12.04
CA TRP B 330 -14.91 -8.91 -11.36
C TRP B 330 -15.14 -7.72 -12.28
N ALA B 331 -14.08 -7.27 -12.96
CA ALA B 331 -14.20 -6.13 -13.86
C ALA B 331 -15.29 -6.38 -14.87
N ILE B 332 -15.41 -7.62 -15.33
CA ILE B 332 -16.41 -8.00 -16.31
C ILE B 332 -17.82 -8.00 -15.72
N THR B 333 -17.97 -8.65 -14.57
CA THR B 333 -19.27 -8.71 -13.93
C THR B 333 -19.74 -7.31 -13.58
N ASN B 334 -18.81 -6.42 -13.18
CA ASN B 334 -19.19 -5.05 -12.85
C ASN B 334 -19.60 -4.32 -14.12
N TYR B 335 -18.78 -4.48 -15.15
CA TYR B 335 -19.02 -3.85 -16.45
C TYR B 335 -20.42 -4.20 -16.96
N THR B 336 -20.73 -5.50 -16.99
CA THR B 336 -22.02 -5.98 -17.48
C THR B 336 -23.16 -5.51 -16.59
N SER B 337 -22.87 -5.36 -15.31
CA SER B 337 -23.86 -4.96 -14.33
C SER B 337 -24.35 -3.51 -14.48
N GLY B 338 -23.43 -2.59 -14.78
CA GLY B 338 -23.84 -1.21 -14.93
C GLY B 338 -23.75 -0.68 -16.34
N GLY B 339 -23.20 -1.50 -17.24
CA GLY B 339 -23.07 -1.07 -18.61
C GLY B 339 -24.36 -1.07 -19.40
N THR B 340 -24.39 -0.29 -20.47
CA THR B 340 -25.55 -0.22 -21.33
C THR B 340 -25.55 -1.46 -22.21
N VAL B 341 -26.64 -1.68 -22.92
CA VAL B 341 -26.76 -2.82 -23.81
C VAL B 341 -25.67 -2.73 -24.88
N GLU B 342 -25.54 -1.55 -25.47
CA GLU B 342 -24.54 -1.34 -26.52
C GLU B 342 -23.14 -1.70 -26.03
N GLN B 343 -22.85 -1.33 -24.77
CA GLN B 343 -21.56 -1.61 -24.16
C GLN B 343 -21.36 -3.08 -23.86
N ILE B 344 -22.43 -3.76 -23.50
CA ILE B 344 -22.34 -5.19 -23.21
C ILE B 344 -22.19 -5.96 -24.52
N VAL B 345 -22.72 -5.42 -25.60
CA VAL B 345 -22.62 -6.04 -26.92
C VAL B 345 -21.17 -5.92 -27.37
N TYR B 346 -20.61 -4.73 -27.16
CA TYR B 346 -19.22 -4.45 -27.51
C TYR B 346 -18.29 -5.43 -26.80
N LEU B 347 -18.56 -5.65 -25.52
CA LEU B 347 -17.74 -6.57 -24.72
C LEU B 347 -17.75 -7.96 -25.38
N VAL B 348 -18.93 -8.39 -25.81
CA VAL B 348 -19.06 -9.70 -26.46
C VAL B 348 -18.27 -9.68 -27.77
N HIS B 349 -18.41 -8.59 -28.53
CA HIS B 349 -17.72 -8.44 -29.81
C HIS B 349 -16.21 -8.44 -29.63
N CYS B 350 -15.74 -8.16 -28.43
CA CYS B 350 -14.29 -8.17 -28.17
C CYS B 350 -13.81 -9.57 -27.82
N GLY B 351 -14.76 -10.50 -27.69
CA GLY B 351 -14.43 -11.89 -27.40
C GLY B 351 -14.41 -12.28 -25.92
N ILE B 352 -15.27 -11.66 -25.12
CA ILE B 352 -15.31 -11.96 -23.69
C ILE B 352 -15.82 -13.37 -23.35
N ILE B 353 -16.75 -13.87 -24.17
CA ILE B 353 -17.36 -15.17 -23.96
C ILE B 353 -16.45 -16.38 -23.74
N GLU B 354 -15.57 -16.68 -24.69
CA GLU B 354 -14.72 -17.84 -24.52
C GLU B 354 -13.87 -17.84 -23.25
N PRO B 355 -13.03 -16.81 -23.05
CA PRO B 355 -12.22 -16.81 -21.84
C PRO B 355 -13.07 -16.84 -20.56
N LEU B 356 -14.27 -16.28 -20.65
CA LEU B 356 -15.18 -16.26 -19.51
C LEU B 356 -15.63 -17.69 -19.22
N MET B 357 -15.98 -18.42 -20.26
CA MET B 357 -16.41 -19.80 -20.13
C MET B 357 -15.29 -20.68 -19.59
N ASN B 358 -14.08 -20.50 -20.13
CA ASN B 358 -12.95 -21.30 -19.71
C ASN B 358 -12.72 -21.26 -18.20
N LEU B 359 -12.97 -20.10 -17.59
CA LEU B 359 -12.77 -19.96 -16.15
C LEU B 359 -13.78 -20.72 -15.31
N LEU B 360 -14.92 -21.06 -15.90
CA LEU B 360 -15.93 -21.78 -15.15
C LEU B 360 -15.39 -23.12 -14.62
N SER B 361 -14.26 -23.55 -15.17
CA SER B 361 -13.63 -24.81 -14.76
C SER B 361 -12.68 -24.59 -13.58
N ALA B 362 -12.71 -23.39 -13.00
CA ALA B 362 -11.84 -23.05 -11.88
C ALA B 362 -12.36 -23.55 -10.55
N LYS B 363 -11.42 -24.00 -9.71
CA LYS B 363 -11.74 -24.50 -8.38
C LYS B 363 -11.74 -23.29 -7.45
N ASP B 364 -12.86 -22.58 -7.41
CA ASP B 364 -13.00 -21.39 -6.58
C ASP B 364 -14.46 -20.98 -6.68
N THR B 365 -15.24 -21.28 -5.65
CA THR B 365 -16.67 -20.95 -5.68
C THR B 365 -16.93 -19.46 -5.91
N LYS B 366 -16.11 -18.60 -5.33
CA LYS B 366 -16.30 -17.16 -5.48
C LYS B 366 -16.22 -16.65 -6.91
N ILE B 367 -15.19 -17.05 -7.66
CA ILE B 367 -15.05 -16.58 -9.03
C ILE B 367 -16.20 -17.11 -9.89
N ILE B 368 -16.56 -18.38 -9.67
CA ILE B 368 -17.64 -18.98 -10.42
C ILE B 368 -18.93 -18.18 -10.26
N GLN B 369 -19.22 -17.76 -9.04
CA GLN B 369 -20.40 -16.97 -8.77
C GLN B 369 -20.35 -15.70 -9.60
N VAL B 370 -19.18 -15.06 -9.60
CA VAL B 370 -18.97 -13.84 -10.35
C VAL B 370 -19.22 -14.04 -11.84
N ILE B 371 -18.62 -15.10 -12.38
CA ILE B 371 -18.75 -15.40 -13.80
C ILE B 371 -20.20 -15.70 -14.14
N LEU B 372 -20.86 -16.49 -13.30
CA LEU B 372 -22.26 -16.83 -13.54
C LEU B 372 -23.08 -15.54 -13.57
N ASP B 373 -22.79 -14.64 -12.63
CA ASP B 373 -23.47 -13.36 -12.57
C ASP B 373 -23.34 -12.66 -13.91
N ALA B 374 -22.11 -12.60 -14.42
CA ALA B 374 -21.83 -11.95 -15.69
C ALA B 374 -22.61 -12.60 -16.82
N ILE B 375 -22.59 -13.93 -16.87
CA ILE B 375 -23.33 -14.66 -17.90
C ILE B 375 -24.77 -14.17 -17.87
N SER B 376 -25.33 -14.13 -16.66
CA SER B 376 -26.69 -13.67 -16.44
C SER B 376 -26.90 -12.26 -16.96
N ASN B 377 -25.97 -11.36 -16.61
CA ASN B 377 -26.07 -9.97 -17.05
C ASN B 377 -26.07 -9.83 -18.57
N ILE B 378 -25.24 -10.63 -19.22
CA ILE B 378 -25.15 -10.58 -20.67
C ILE B 378 -26.46 -11.09 -21.30
N PHE B 379 -26.93 -12.25 -20.85
CA PHE B 379 -28.17 -12.81 -21.36
C PHE B 379 -29.28 -11.79 -21.24
N GLN B 380 -29.29 -11.08 -20.11
CA GLN B 380 -30.30 -10.06 -19.89
C GLN B 380 -30.26 -8.96 -20.92
N ALA B 381 -29.08 -8.71 -21.47
CA ALA B 381 -28.92 -7.68 -22.49
C ALA B 381 -29.42 -8.23 -23.83
N ALA B 382 -29.17 -9.52 -24.05
CA ALA B 382 -29.59 -10.18 -25.28
C ALA B 382 -31.09 -10.42 -25.22
N GLU B 383 -31.61 -10.46 -24.00
CA GLU B 383 -33.04 -10.65 -23.80
C GLU B 383 -33.70 -9.39 -24.35
N LYS B 384 -33.05 -8.25 -24.16
CA LYS B 384 -33.57 -6.98 -24.63
C LYS B 384 -33.37 -6.78 -26.13
N LEU B 385 -32.91 -7.81 -26.81
CA LEU B 385 -32.69 -7.74 -28.26
C LEU B 385 -33.18 -9.00 -28.96
N GLY B 386 -33.78 -9.92 -28.21
CA GLY B 386 -34.29 -11.15 -28.79
C GLY B 386 -33.14 -12.02 -29.29
N GLU B 387 -31.91 -11.59 -28.97
CA GLU B 387 -30.71 -12.29 -29.38
C GLU B 387 -30.31 -13.38 -28.37
N THR B 388 -31.14 -13.57 -27.35
CA THR B 388 -30.86 -14.58 -26.34
C THR B 388 -30.43 -15.90 -26.96
N GLU B 389 -31.11 -16.30 -28.03
CA GLU B 389 -30.78 -17.56 -28.70
C GLU B 389 -29.35 -17.50 -29.25
N LYS B 390 -29.07 -16.50 -30.09
CA LYS B 390 -27.74 -16.35 -30.68
C LYS B 390 -26.65 -16.45 -29.62
N LEU B 391 -26.94 -15.91 -28.44
CA LEU B 391 -25.99 -15.94 -27.34
C LEU B 391 -25.79 -17.38 -26.87
N SER B 392 -26.90 -18.07 -26.67
CA SER B 392 -26.88 -19.46 -26.22
C SER B 392 -25.96 -20.28 -27.11
N ILE B 393 -26.04 -20.04 -28.42
CA ILE B 393 -25.19 -20.75 -29.37
C ILE B 393 -23.73 -20.45 -29.07
N MET B 394 -23.38 -19.16 -29.03
CA MET B 394 -21.99 -18.77 -28.75
C MET B 394 -21.45 -19.50 -27.51
N ILE B 395 -22.22 -19.47 -26.43
CA ILE B 395 -21.81 -20.13 -25.18
C ILE B 395 -21.79 -21.64 -25.42
N GLU B 396 -22.65 -22.08 -26.34
CA GLU B 396 -22.74 -23.48 -26.69
C GLU B 396 -21.54 -23.87 -27.56
N GLU B 397 -21.25 -23.00 -28.53
CA GLU B 397 -20.14 -23.20 -29.47
C GLU B 397 -18.80 -23.51 -28.80
N CYS B 398 -18.51 -22.82 -27.69
CA CYS B 398 -17.25 -23.04 -27.00
C CYS B 398 -17.41 -23.65 -25.61
N GLY B 399 -17.92 -24.88 -25.58
CA GLY B 399 -18.12 -25.61 -24.33
C GLY B 399 -18.65 -24.86 -23.12
N GLY B 400 -19.43 -23.81 -23.35
CA GLY B 400 -19.99 -23.04 -22.26
C GLY B 400 -21.08 -23.77 -21.50
N LEU B 401 -22.16 -24.10 -22.22
CA LEU B 401 -23.30 -24.81 -21.63
C LEU B 401 -22.81 -26.13 -21.04
N ASP B 402 -21.83 -26.72 -21.72
CA ASP B 402 -21.25 -27.98 -21.31
C ASP B 402 -20.66 -27.86 -19.90
N LYS B 403 -20.39 -26.63 -19.47
CA LYS B 403 -19.81 -26.39 -18.15
C LYS B 403 -20.82 -25.87 -17.13
N ILE B 404 -21.84 -25.19 -17.60
CA ILE B 404 -22.86 -24.66 -16.70
C ILE B 404 -23.69 -25.80 -16.13
N GLU B 405 -23.94 -26.81 -16.97
CA GLU B 405 -24.70 -27.97 -16.54
C GLU B 405 -23.90 -28.74 -15.51
N ALA B 406 -22.60 -28.85 -15.77
CA ALA B 406 -21.70 -29.54 -14.85
C ALA B 406 -21.76 -28.89 -13.48
N LEU B 407 -21.89 -27.57 -13.46
CA LEU B 407 -21.97 -26.81 -12.21
C LEU B 407 -23.39 -26.80 -11.66
N GLN B 408 -24.33 -27.27 -12.47
CA GLN B 408 -25.73 -27.31 -12.06
C GLN B 408 -25.87 -28.33 -10.93
N ARG B 409 -24.83 -29.13 -10.75
CA ARG B 409 -24.80 -30.15 -9.70
C ARG B 409 -23.84 -29.69 -8.58
N HIS B 410 -23.14 -28.59 -8.81
CA HIS B 410 -22.18 -28.03 -7.85
C HIS B 410 -22.73 -28.06 -6.43
N GLU B 411 -21.82 -28.09 -5.45
CA GLU B 411 -22.21 -28.14 -4.05
C GLU B 411 -22.69 -26.81 -3.49
N ASN B 412 -21.98 -25.72 -3.80
CA ASN B 412 -22.33 -24.40 -3.28
C ASN B 412 -23.75 -23.93 -3.54
N GLU B 413 -24.42 -23.54 -2.46
CA GLU B 413 -25.79 -23.03 -2.48
C GLU B 413 -26.05 -22.13 -3.68
N SER B 414 -25.51 -20.92 -3.61
CA SER B 414 -25.69 -19.92 -4.65
C SER B 414 -25.34 -20.40 -6.06
N VAL B 415 -24.35 -21.27 -6.15
CA VAL B 415 -23.91 -21.77 -7.46
C VAL B 415 -24.96 -22.58 -8.22
N TYR B 416 -25.17 -23.85 -7.82
CA TYR B 416 -26.13 -24.69 -8.53
C TYR B 416 -27.43 -23.96 -8.90
N LYS B 417 -27.85 -23.03 -8.05
CA LYS B 417 -29.06 -22.27 -8.33
C LYS B 417 -28.87 -21.44 -9.58
N ALA B 418 -27.90 -20.53 -9.56
CA ALA B 418 -27.61 -19.70 -10.70
C ALA B 418 -27.41 -20.58 -11.93
N SER B 419 -26.71 -21.69 -11.73
CA SER B 419 -26.44 -22.65 -12.80
C SER B 419 -27.76 -23.12 -13.41
N LEU B 420 -28.59 -23.72 -12.58
CA LEU B 420 -29.89 -24.23 -13.01
C LEU B 420 -30.65 -23.20 -13.84
N ASN B 421 -31.04 -22.10 -13.21
CA ASN B 421 -31.79 -21.06 -13.89
C ASN B 421 -31.33 -20.81 -15.33
N LEU B 422 -30.03 -20.72 -15.54
CA LEU B 422 -29.49 -20.47 -16.87
C LEU B 422 -29.82 -21.60 -17.84
N ILE B 423 -29.68 -22.83 -17.38
CA ILE B 423 -29.95 -24.01 -18.22
C ILE B 423 -31.39 -24.06 -18.69
N GLU B 424 -32.32 -23.65 -17.84
CA GLU B 424 -33.73 -23.67 -18.18
C GLU B 424 -34.21 -22.37 -18.81
N LYS B 425 -33.98 -21.26 -18.12
CA LYS B 425 -34.43 -19.96 -18.62
C LYS B 425 -33.81 -19.53 -19.95
N TYR B 426 -32.66 -20.10 -20.32
CA TYR B 426 -32.02 -19.69 -21.57
C TYR B 426 -31.64 -20.82 -22.52
N PHE B 427 -31.87 -22.07 -22.11
CA PHE B 427 -31.55 -23.19 -22.98
C PHE B 427 -32.75 -24.09 -23.27
N SER B 428 -32.51 -25.40 -23.36
CA SER B 428 -33.58 -26.37 -23.65
C SER B 428 -34.98 -25.82 -23.44
#